data_3W31
#
_entry.id   3W31
#
_cell.length_a   119.238
_cell.length_b   119.238
_cell.length_c   69.985
_cell.angle_alpha   90.00
_cell.angle_beta   90.00
_cell.angle_gamma   120.00
#
_symmetry.space_group_name_H-M   'P 3 2 1'
#
loop_
_entity.id
_entity.type
_entity.pdbx_description
1 polymer ORF169b
2 polymer 'Ubiquitin-conjugating enzyme E2 N'
3 non-polymer 'IODIDE ION'
#
loop_
_entity_poly.entity_id
_entity_poly.type
_entity_poly.pdbx_seq_one_letter_code
_entity_poly.pdbx_strand_id
1 'polypeptide(L)'
;GPLGSPEFMINGVSLQGTAGYEAHTEEGNVNVKKLLESLNSKSLGDMDKDSELAATLQKMINPSGGDGNASGCALHACMA
MLGYGVREAPVPNEISEYMTGFFHRHLEQIDSEGIVSHPNETYSKFRERIAENILQNTSKGSVVMISIEQATHWIAGFND
GEKIMFLDVQTGKGFNLYDPVEKSPDAFVDENSSVQVIHVSDQEFDHYANSSSWKSKRLC
;
A
2 'polypeptide(L)'
;GSHMAGLPRRIIKETQRLLAEPVPGIKAEPDESNARYFHVVIAGPQDSPFEGGTFKLELFLPEEYPMAAPKVRFMTKIYH
PNVDKLGRICLDILKDKWSPALQIRTVLLSIQALLSAPNPDDPLANDVAEQWKTNEAQAIETARAWTRLYAMNNI
;
B
#
loop_
_chem_comp.id
_chem_comp.type
_chem_comp.name
_chem_comp.formula
IOD non-polymer 'IODIDE ION' 'I -1'
#
# COMPACT_ATOMS: atom_id res chain seq x y z
N ASN A 29 19.27 -10.35 -15.93
CA ASN A 29 19.23 -9.23 -16.91
C ASN A 29 18.40 -9.59 -18.16
N VAL A 30 17.42 -10.47 -17.98
CA VAL A 30 16.53 -10.91 -19.06
C VAL A 30 15.53 -9.81 -19.42
N ASN A 31 15.96 -8.57 -19.24
CA ASN A 31 15.17 -7.36 -19.48
C ASN A 31 14.41 -7.26 -20.80
N VAL A 32 13.55 -6.25 -20.86
CA VAL A 32 12.69 -5.98 -22.01
C VAL A 32 11.78 -7.20 -22.22
N LYS A 33 10.88 -7.13 -23.18
CA LYS A 33 9.97 -8.23 -23.45
C LYS A 33 10.69 -9.49 -23.91
N LYS A 34 11.99 -9.56 -23.62
CA LYS A 34 12.78 -10.73 -23.99
C LYS A 34 12.07 -11.98 -23.50
N LEU A 35 11.92 -12.10 -22.18
CA LEU A 35 11.24 -13.26 -21.62
C LEU A 35 9.74 -13.05 -21.53
N LEU A 36 9.19 -12.33 -22.52
CA LEU A 36 7.75 -12.06 -22.59
C LEU A 36 7.08 -13.23 -23.28
N GLU A 37 7.92 -14.12 -23.80
CA GLU A 37 7.48 -15.32 -24.49
C GLU A 37 7.83 -16.52 -23.62
N SER A 38 8.89 -16.35 -22.83
CA SER A 38 9.38 -17.38 -21.92
C SER A 38 8.38 -17.63 -20.78
N LEU A 39 7.48 -16.67 -20.59
CA LEU A 39 6.44 -16.76 -19.55
C LEU A 39 5.03 -16.54 -20.13
N ASN A 40 4.81 -16.93 -21.38
CA ASN A 40 3.50 -16.76 -22.01
C ASN A 40 2.92 -18.03 -22.65
N SER A 41 3.67 -18.67 -23.54
CA SER A 41 3.16 -19.89 -24.18
C SER A 41 3.70 -21.17 -23.58
N LYS A 42 2.86 -21.82 -22.78
CA LYS A 42 3.16 -23.07 -22.10
C LYS A 42 1.82 -23.70 -21.74
N SER A 43 1.83 -24.66 -20.80
CA SER A 43 0.61 -25.32 -20.36
C SER A 43 -0.10 -24.50 -19.28
N LEU A 44 0.30 -23.25 -19.15
CA LEU A 44 -0.27 -22.32 -18.18
C LEU A 44 -1.50 -21.59 -18.70
N GLY A 45 -2.47 -21.37 -17.81
CA GLY A 45 -3.69 -20.69 -18.19
C GLY A 45 -3.56 -19.20 -18.39
N ASP A 46 -4.71 -18.54 -18.59
CA ASP A 46 -4.73 -17.10 -18.79
C ASP A 46 -4.65 -16.41 -17.43
N MET A 47 -5.58 -16.72 -16.53
CA MET A 47 -5.56 -16.10 -15.20
C MET A 47 -4.35 -16.73 -14.48
N ASP A 48 -3.74 -17.72 -15.12
CA ASP A 48 -2.61 -18.46 -14.57
C ASP A 48 -1.23 -17.92 -14.97
N LYS A 49 -1.09 -17.41 -16.19
CA LYS A 49 0.19 -16.89 -16.66
C LYS A 49 0.40 -15.49 -16.08
N ASP A 50 -0.66 -14.94 -15.49
CA ASP A 50 -0.59 -13.63 -14.87
C ASP A 50 0.33 -13.76 -13.67
N SER A 51 -0.21 -14.33 -12.60
CA SER A 51 0.55 -14.52 -11.36
C SER A 51 1.95 -15.04 -11.66
N GLU A 52 2.13 -15.48 -12.90
CA GLU A 52 3.39 -16.00 -13.40
C GLU A 52 4.37 -14.86 -13.58
N LEU A 53 4.11 -14.02 -14.58
CA LEU A 53 4.98 -12.88 -14.87
C LEU A 53 5.17 -11.95 -13.68
N ALA A 54 4.06 -11.52 -13.09
CA ALA A 54 4.09 -10.63 -11.94
C ALA A 54 5.08 -11.12 -10.90
N ALA A 55 5.03 -12.40 -10.56
CA ALA A 55 5.94 -12.97 -9.57
C ALA A 55 7.41 -12.77 -9.92
N THR A 56 7.71 -12.68 -11.22
CA THR A 56 9.08 -12.47 -11.68
C THR A 56 9.42 -11.00 -11.46
N LEU A 57 8.66 -10.15 -12.15
CA LEU A 57 8.83 -8.71 -12.05
C LEU A 57 8.86 -8.23 -10.59
N GLN A 58 8.02 -8.84 -9.76
CA GLN A 58 7.97 -8.48 -8.36
C GLN A 58 9.38 -8.54 -7.77
N LYS A 59 10.11 -9.58 -8.14
CA LYS A 59 11.46 -9.79 -7.62
C LYS A 59 12.45 -8.69 -8.05
N MET A 60 12.03 -7.82 -8.96
CA MET A 60 12.90 -6.74 -9.43
C MET A 60 12.32 -5.37 -9.11
N ILE A 61 11.01 -5.24 -9.23
CA ILE A 61 10.35 -3.97 -8.97
C ILE A 61 9.98 -3.80 -7.50
N ASN A 62 10.00 -4.88 -6.74
CA ASN A 62 9.67 -4.77 -5.33
C ASN A 62 10.43 -5.81 -4.53
N PRO A 63 11.78 -5.73 -4.53
CA PRO A 63 12.58 -6.70 -3.79
C PRO A 63 11.96 -6.79 -2.42
N SER A 64 11.41 -7.96 -2.09
CA SER A 64 10.75 -8.16 -0.80
C SER A 64 9.91 -6.92 -0.44
N GLY A 65 8.64 -6.96 -0.75
CA GLY A 65 7.79 -5.82 -0.45
C GLY A 65 6.43 -6.20 0.04
N GLY A 66 5.57 -5.20 0.21
CA GLY A 66 4.22 -5.47 0.67
C GLY A 66 3.62 -4.37 1.50
N ASP A 67 4.10 -3.14 1.33
CA ASP A 67 3.59 -2.03 2.12
C ASP A 67 2.49 -1.25 1.40
N GLY A 68 2.70 0.05 1.24
CA GLY A 68 1.71 0.90 0.59
C GLY A 68 2.15 1.42 -0.76
N ASN A 69 3.36 1.03 -1.15
CA ASN A 69 3.92 1.45 -2.42
C ASN A 69 3.23 0.78 -3.61
N ALA A 70 1.97 0.41 -3.45
CA ALA A 70 1.24 -0.21 -4.55
C ALA A 70 1.25 0.73 -5.74
N SER A 71 0.72 1.93 -5.55
CA SER A 71 0.68 2.93 -6.61
C SER A 71 1.99 3.02 -7.38
N GLY A 72 3.12 3.06 -6.67
CA GLY A 72 4.41 3.13 -7.34
C GLY A 72 4.76 1.87 -8.13
N CYS A 73 4.54 0.71 -7.51
CA CYS A 73 4.83 -0.56 -8.15
C CYS A 73 4.08 -0.71 -9.46
N ALA A 74 2.82 -0.26 -9.48
CA ALA A 74 1.97 -0.35 -10.65
C ALA A 74 2.40 0.59 -11.77
N LEU A 75 2.83 1.80 -11.39
CA LEU A 75 3.29 2.74 -12.38
C LEU A 75 4.54 2.17 -13.04
N HIS A 76 5.29 1.37 -12.28
CA HIS A 76 6.52 0.76 -12.77
C HIS A 76 6.26 -0.46 -13.64
N ALA A 77 5.12 -1.11 -13.44
CA ALA A 77 4.76 -2.28 -14.24
C ALA A 77 4.48 -1.72 -15.63
N CYS A 78 3.71 -0.63 -15.68
CA CYS A 78 3.42 0.02 -16.96
C CYS A 78 4.74 0.38 -17.62
N MET A 79 5.67 0.90 -16.82
CA MET A 79 6.96 1.31 -17.32
C MET A 79 7.71 0.17 -18.00
N ALA A 80 7.70 -1.02 -17.39
CA ALA A 80 8.41 -2.13 -17.99
C ALA A 80 7.71 -2.66 -19.23
N MET A 81 6.39 -2.71 -19.20
CA MET A 81 5.63 -3.19 -20.35
C MET A 81 5.58 -2.19 -21.47
N LEU A 82 6.00 -0.97 -21.19
CA LEU A 82 6.03 0.07 -22.21
C LEU A 82 7.45 0.13 -22.79
N GLY A 83 8.34 -0.66 -22.21
CA GLY A 83 9.72 -0.71 -22.69
C GLY A 83 10.79 -0.05 -21.85
N TYR A 84 10.47 1.08 -21.24
CA TYR A 84 11.42 1.83 -20.42
C TYR A 84 12.37 1.01 -19.53
N GLY A 85 11.97 -0.19 -19.14
CA GLY A 85 12.84 -1.00 -18.31
C GLY A 85 12.28 -1.25 -16.92
N VAL A 86 12.95 -2.09 -16.15
CA VAL A 86 12.50 -2.38 -14.79
C VAL A 86 13.40 -1.71 -13.79
N ARG A 87 12.80 -0.97 -12.87
CA ARG A 87 13.55 -0.25 -11.84
C ARG A 87 12.87 -0.50 -10.49
N GLU A 88 13.67 -0.68 -9.44
CA GLU A 88 13.06 -0.89 -8.13
C GLU A 88 11.99 0.19 -8.00
N ALA A 89 10.79 -0.19 -7.60
CA ALA A 89 9.72 0.78 -7.45
C ALA A 89 10.00 1.62 -6.22
N PRO A 90 9.36 2.79 -6.12
CA PRO A 90 9.53 3.70 -4.98
C PRO A 90 8.96 3.07 -3.72
N VAL A 91 9.58 3.36 -2.58
CA VAL A 91 9.11 2.84 -1.30
C VAL A 91 8.30 3.93 -0.58
N PRO A 92 7.40 3.56 0.32
CA PRO A 92 6.56 4.51 1.06
C PRO A 92 7.05 5.96 1.23
N ASN A 93 8.26 6.15 1.73
CA ASN A 93 8.77 7.51 1.92
C ASN A 93 9.32 8.18 0.67
N GLU A 94 8.97 7.63 -0.49
CA GLU A 94 9.39 8.17 -1.78
C GLU A 94 8.18 8.28 -2.69
N ILE A 95 7.04 7.77 -2.25
CA ILE A 95 5.83 7.83 -3.04
C ILE A 95 5.51 9.27 -3.43
N SER A 96 5.54 10.19 -2.46
CA SER A 96 5.24 11.61 -2.69
C SER A 96 6.10 12.29 -3.75
N GLU A 97 7.23 11.68 -4.07
CA GLU A 97 8.13 12.23 -5.09
C GLU A 97 7.37 12.52 -6.39
N TYR A 98 6.62 11.54 -6.88
CA TYR A 98 5.88 11.66 -8.13
C TYR A 98 4.41 11.28 -8.02
N MET A 99 4.15 10.19 -7.32
CA MET A 99 2.80 9.65 -7.15
C MET A 99 1.77 10.63 -6.64
N THR A 100 2.19 11.54 -5.79
CA THR A 100 1.26 12.50 -5.25
C THR A 100 0.75 13.41 -6.36
N GLY A 101 1.56 13.58 -7.40
CA GLY A 101 1.17 14.42 -8.53
C GLY A 101 0.26 13.68 -9.48
N PHE A 102 0.66 12.46 -9.82
CA PHE A 102 -0.11 11.58 -10.68
C PHE A 102 -1.53 11.53 -10.12
N PHE A 103 -1.64 11.38 -8.81
CA PHE A 103 -2.95 11.37 -8.17
C PHE A 103 -3.55 12.74 -8.45
N HIS A 104 -2.81 13.79 -8.03
CA HIS A 104 -3.15 15.22 -8.22
C HIS A 104 -3.99 15.25 -9.53
N ARG A 105 -3.30 14.88 -10.62
CA ARG A 105 -3.87 14.86 -11.95
C ARG A 105 -5.04 13.90 -12.16
N HIS A 106 -4.74 12.63 -12.39
CA HIS A 106 -5.77 11.62 -12.64
C HIS A 106 -6.85 11.45 -11.59
N LEU A 107 -6.96 12.36 -10.65
CA LEU A 107 -7.98 12.20 -9.61
C LEU A 107 -9.41 12.03 -10.11
N GLU A 108 -9.80 12.72 -11.17
CA GLU A 108 -11.18 12.58 -11.62
C GLU A 108 -11.53 11.22 -12.21
N GLN A 109 -10.51 10.53 -12.71
CA GLN A 109 -10.64 9.21 -13.28
C GLN A 109 -10.58 8.16 -12.14
N ILE A 110 -10.42 8.64 -10.92
CA ILE A 110 -10.33 7.75 -9.77
C ILE A 110 -11.54 7.91 -8.88
N ASP A 111 -12.07 9.12 -8.80
CA ASP A 111 -13.23 9.34 -7.97
C ASP A 111 -14.48 8.98 -8.74
N SER A 112 -14.31 8.01 -9.64
CA SER A 112 -15.37 7.49 -10.50
C SER A 112 -15.82 6.18 -9.88
N GLU A 113 -17.09 5.83 -10.02
CA GLU A 113 -17.56 4.58 -9.43
C GLU A 113 -17.15 3.39 -10.33
N GLY A 114 -16.59 3.67 -11.50
CA GLY A 114 -16.14 2.63 -12.43
C GLY A 114 -16.91 1.32 -12.46
N ILE A 115 -16.24 0.25 -12.88
CA ILE A 115 -16.88 -1.08 -12.95
C ILE A 115 -17.22 -1.64 -11.56
N VAL A 116 -18.35 -2.33 -11.46
CA VAL A 116 -18.77 -2.92 -10.19
C VAL A 116 -19.29 -4.35 -10.35
N SER A 117 -18.72 -5.27 -9.58
CA SER A 117 -19.11 -6.66 -9.63
C SER A 117 -20.60 -6.83 -9.32
N HIS A 118 -21.25 -7.77 -10.01
CA HIS A 118 -22.67 -8.05 -9.75
C HIS A 118 -22.73 -9.09 -8.64
N PRO A 119 -23.90 -9.22 -8.00
CA PRO A 119 -24.02 -10.22 -6.92
C PRO A 119 -23.69 -11.62 -7.46
N ASN A 120 -23.02 -12.42 -6.63
CA ASN A 120 -22.65 -13.78 -7.01
C ASN A 120 -21.57 -13.92 -8.09
N GLU A 121 -21.13 -12.79 -8.68
CA GLU A 121 -20.12 -12.81 -9.75
C GLU A 121 -18.80 -13.36 -9.21
N THR A 122 -18.21 -14.28 -9.96
CA THR A 122 -16.97 -14.90 -9.54
C THR A 122 -15.74 -14.09 -9.92
N TYR A 123 -14.58 -14.46 -9.39
CA TYR A 123 -13.36 -13.74 -9.70
C TYR A 123 -13.02 -13.75 -11.18
N SER A 124 -13.19 -14.88 -11.86
CA SER A 124 -12.91 -14.96 -13.28
C SER A 124 -13.96 -14.20 -14.06
N LYS A 125 -15.21 -14.35 -13.64
CA LYS A 125 -16.34 -13.69 -14.28
C LYS A 125 -16.22 -12.17 -14.18
N PHE A 126 -15.42 -11.71 -13.22
CA PHE A 126 -15.25 -10.27 -13.03
C PHE A 126 -13.98 -9.79 -13.72
N ARG A 127 -12.95 -10.62 -13.74
CA ARG A 127 -11.69 -10.29 -14.39
C ARG A 127 -11.92 -10.18 -15.89
N GLU A 128 -12.73 -11.10 -16.43
CA GLU A 128 -13.05 -11.11 -17.85
C GLU A 128 -13.90 -9.88 -18.19
N ARG A 129 -14.97 -9.69 -17.44
CA ARG A 129 -15.86 -8.57 -17.63
C ARG A 129 -15.15 -7.22 -17.52
N ILE A 130 -14.05 -7.19 -16.77
CA ILE A 130 -13.28 -5.96 -16.60
C ILE A 130 -12.31 -5.79 -17.76
N ALA A 131 -11.84 -6.89 -18.34
CA ALA A 131 -10.92 -6.80 -19.46
C ALA A 131 -11.58 -6.25 -20.74
N GLU A 132 -12.68 -5.52 -20.57
CA GLU A 132 -13.39 -4.92 -21.70
C GLU A 132 -13.08 -3.42 -21.78
N ASN A 133 -13.35 -2.65 -20.72
CA ASN A 133 -13.02 -1.21 -20.73
C ASN A 133 -11.49 -1.13 -20.95
N ILE A 134 -10.96 -2.26 -21.40
CA ILE A 134 -9.56 -2.43 -21.70
C ILE A 134 -9.49 -2.88 -23.16
N LEU A 135 -9.63 -4.18 -23.41
CA LEU A 135 -9.56 -4.71 -24.77
C LEU A 135 -10.19 -3.75 -25.79
N GLN A 136 -11.34 -3.20 -25.45
CA GLN A 136 -12.01 -2.26 -26.34
C GLN A 136 -11.15 -1.03 -26.51
N ASN A 137 -11.13 -0.18 -25.49
CA ASN A 137 -10.36 1.05 -25.52
C ASN A 137 -8.85 0.77 -25.36
N THR A 138 -8.29 -0.06 -26.24
CA THR A 138 -6.87 -0.44 -26.16
C THR A 138 -5.98 -0.08 -27.35
N SER A 139 -4.82 -0.72 -27.39
CA SER A 139 -3.83 -0.53 -28.45
C SER A 139 -2.95 -1.78 -28.59
N LYS A 140 -2.06 -1.73 -29.59
CA LYS A 140 -1.14 -2.82 -29.90
C LYS A 140 -0.47 -3.50 -28.71
N GLY A 141 0.24 -2.70 -27.91
CA GLY A 141 0.94 -3.19 -26.73
C GLY A 141 0.92 -2.09 -25.69
N SER A 142 -0.27 -1.53 -25.48
CA SER A 142 -0.49 -0.47 -24.51
C SER A 142 -0.75 -0.99 -23.10
N VAL A 143 -0.65 -0.08 -22.11
CA VAL A 143 -0.85 -0.43 -20.71
C VAL A 143 -1.83 0.53 -20.04
N VAL A 144 -2.17 0.23 -18.80
CA VAL A 144 -3.10 1.05 -18.03
C VAL A 144 -2.92 0.86 -16.53
N MET A 145 -3.30 1.89 -15.77
CA MET A 145 -3.22 1.83 -14.33
C MET A 145 -4.63 1.49 -13.89
N ILE A 146 -4.77 0.41 -13.12
CA ILE A 146 -6.07 0.01 -12.64
C ILE A 146 -6.17 0.32 -11.14
N SER A 147 -7.13 1.16 -10.78
CA SER A 147 -7.35 1.52 -9.39
C SER A 147 -8.35 0.57 -8.79
N ILE A 148 -8.09 0.12 -7.56
CA ILE A 148 -9.01 -0.76 -6.88
C ILE A 148 -9.65 0.01 -5.75
N GLU A 149 -10.98 0.04 -5.71
CA GLU A 149 -11.68 0.74 -4.66
C GLU A 149 -11.21 2.17 -4.45
N GLN A 150 -11.04 2.87 -5.57
CA GLN A 150 -10.62 4.28 -5.61
C GLN A 150 -9.36 4.54 -4.81
N ALA A 151 -8.23 4.11 -5.34
CA ALA A 151 -6.92 4.32 -4.71
C ALA A 151 -6.62 3.45 -3.47
N THR A 152 -7.52 2.53 -3.14
CA THR A 152 -7.29 1.65 -2.01
C THR A 152 -6.12 0.76 -2.36
N HIS A 153 -6.02 0.42 -3.64
CA HIS A 153 -4.95 -0.44 -4.12
C HIS A 153 -4.78 -0.28 -5.63
N TRP A 154 -3.66 -0.77 -6.16
CA TRP A 154 -3.40 -0.63 -7.58
C TRP A 154 -2.79 -1.85 -8.24
N ILE A 155 -3.10 -2.02 -9.52
CA ILE A 155 -2.53 -3.11 -10.33
C ILE A 155 -2.37 -2.59 -11.74
N ALA A 156 -1.42 -3.16 -12.47
CA ALA A 156 -1.16 -2.74 -13.84
C ALA A 156 -1.79 -3.65 -14.89
N GLY A 157 -2.38 -3.02 -15.89
CA GLY A 157 -3.00 -3.74 -16.98
C GLY A 157 -2.19 -3.62 -18.26
N PHE A 158 -2.04 -4.74 -18.96
CA PHE A 158 -1.30 -4.78 -20.22
C PHE A 158 -2.11 -5.50 -21.30
N ASN A 159 -2.16 -4.89 -22.49
CA ASN A 159 -2.88 -5.47 -23.61
C ASN A 159 -1.88 -6.06 -24.60
N ASP A 160 -1.77 -7.39 -24.63
CA ASP A 160 -0.82 -8.06 -25.53
C ASP A 160 -1.34 -8.10 -26.95
N GLY A 161 -2.65 -7.85 -27.10
CA GLY A 161 -3.28 -7.86 -28.41
C GLY A 161 -4.64 -8.50 -28.41
N GLU A 162 -4.70 -9.78 -28.02
CA GLU A 162 -5.96 -10.51 -27.98
C GLU A 162 -6.55 -10.58 -26.58
N LYS A 163 -5.69 -10.80 -25.60
CA LYS A 163 -6.13 -10.88 -24.22
C LYS A 163 -5.52 -9.74 -23.41
N ILE A 164 -5.71 -9.79 -22.09
CA ILE A 164 -5.16 -8.77 -21.19
C ILE A 164 -4.38 -9.48 -20.09
N MET A 165 -3.37 -8.82 -19.57
CA MET A 165 -2.57 -9.39 -18.50
C MET A 165 -2.56 -8.43 -17.33
N PHE A 166 -3.10 -8.86 -16.19
CA PHE A 166 -3.10 -8.01 -15.01
C PHE A 166 -1.90 -8.37 -14.13
N LEU A 167 -1.09 -7.38 -13.77
CA LEU A 167 0.06 -7.65 -12.93
C LEU A 167 0.10 -6.80 -11.65
N ASP A 168 0.27 -7.45 -10.49
CA ASP A 168 0.32 -6.74 -9.23
C ASP A 168 1.74 -6.29 -8.94
N VAL A 169 2.69 -7.18 -9.21
CA VAL A 169 4.14 -6.93 -9.04
C VAL A 169 4.58 -6.46 -7.65
N GLN A 170 3.65 -5.99 -6.82
CA GLN A 170 3.98 -5.55 -5.47
C GLN A 170 4.10 -6.79 -4.58
N THR A 171 3.15 -7.71 -4.73
CA THR A 171 3.15 -8.97 -3.98
C THR A 171 3.34 -10.09 -5.00
N GLY A 172 3.55 -9.68 -6.25
CA GLY A 172 3.80 -10.60 -7.34
C GLY A 172 2.72 -11.62 -7.66
N LYS A 173 1.50 -11.15 -7.87
CA LYS A 173 0.39 -12.02 -8.21
C LYS A 173 -0.28 -11.51 -9.47
N GLY A 174 -1.36 -12.16 -9.86
CA GLY A 174 -2.07 -11.70 -11.03
C GLY A 174 -3.19 -10.84 -10.50
N PHE A 175 -4.19 -10.61 -11.34
CA PHE A 175 -5.35 -9.82 -10.96
C PHE A 175 -5.89 -10.28 -9.59
N ASN A 176 -6.12 -9.32 -8.69
CA ASN A 176 -6.69 -9.60 -7.36
C ASN A 176 -7.26 -8.29 -6.80
N LEU A 177 -8.03 -8.38 -5.72
CA LEU A 177 -8.62 -7.18 -5.13
C LEU A 177 -8.09 -6.93 -3.72
N TYR A 178 -6.80 -6.62 -3.65
CA TYR A 178 -6.10 -6.38 -2.38
C TYR A 178 -6.41 -7.53 -1.44
N ASP A 179 -5.96 -8.72 -1.83
CA ASP A 179 -6.15 -9.91 -1.03
C ASP A 179 -4.75 -10.41 -0.66
N PRO A 180 -4.52 -10.72 0.62
CA PRO A 180 -3.22 -11.21 1.11
C PRO A 180 -2.75 -12.43 0.31
N VAL A 181 -3.66 -13.39 0.13
CA VAL A 181 -3.40 -14.61 -0.64
C VAL A 181 -4.19 -14.53 -1.93
N GLU A 182 -3.53 -14.82 -3.05
CA GLU A 182 -4.17 -14.80 -4.37
C GLU A 182 -5.39 -15.72 -4.35
N LYS A 183 -6.57 -15.17 -4.67
CA LYS A 183 -7.79 -15.95 -4.65
C LYS A 183 -8.01 -16.87 -5.84
N SER A 184 -8.73 -17.96 -5.58
CA SER A 184 -9.04 -18.98 -6.56
C SER A 184 -9.90 -18.44 -7.70
N PRO A 185 -9.70 -19.00 -8.90
CA PRO A 185 -10.41 -18.62 -10.11
C PRO A 185 -11.91 -18.41 -9.90
N ASP A 186 -12.53 -19.31 -9.15
CA ASP A 186 -13.97 -19.24 -8.90
C ASP A 186 -14.40 -18.91 -7.48
N ALA A 187 -13.77 -17.89 -6.90
CA ALA A 187 -14.16 -17.47 -5.57
C ALA A 187 -15.11 -16.30 -5.77
N PHE A 188 -15.95 -16.04 -4.78
CA PHE A 188 -16.89 -14.93 -4.92
C PHE A 188 -16.23 -13.59 -4.64
N VAL A 189 -16.55 -12.63 -5.48
CA VAL A 189 -16.09 -11.26 -5.36
C VAL A 189 -16.97 -10.64 -4.28
N ASP A 190 -16.38 -9.93 -3.33
CA ASP A 190 -17.18 -9.32 -2.29
C ASP A 190 -18.18 -8.37 -2.94
N GLU A 191 -19.25 -8.05 -2.22
CA GLU A 191 -20.25 -7.16 -2.76
C GLU A 191 -19.67 -5.80 -3.13
N ASN A 192 -20.36 -5.10 -4.02
CA ASN A 192 -19.97 -3.76 -4.46
C ASN A 192 -18.47 -3.56 -4.78
N SER A 193 -17.76 -4.64 -5.08
CA SER A 193 -16.33 -4.51 -5.42
C SER A 193 -16.21 -3.64 -6.67
N SER A 194 -15.41 -2.58 -6.62
CA SER A 194 -15.26 -1.69 -7.77
C SER A 194 -13.83 -1.42 -8.23
N VAL A 195 -13.63 -1.34 -9.54
CA VAL A 195 -12.32 -1.04 -10.10
C VAL A 195 -12.48 0.08 -11.13
N GLN A 196 -11.62 1.08 -11.05
CA GLN A 196 -11.67 2.20 -11.98
C GLN A 196 -10.44 2.04 -12.85
N VAL A 197 -10.62 1.85 -14.16
CA VAL A 197 -9.43 1.72 -14.99
C VAL A 197 -8.92 3.13 -15.23
N ILE A 198 -7.60 3.29 -15.16
CA ILE A 198 -7.03 4.62 -15.37
C ILE A 198 -6.25 4.70 -16.67
N HIS A 199 -6.80 5.48 -17.59
CA HIS A 199 -6.19 5.70 -18.89
C HIS A 199 -5.03 6.66 -18.66
N VAL A 200 -3.82 6.22 -18.95
CA VAL A 200 -2.65 7.06 -18.72
C VAL A 200 -1.94 7.48 -19.99
N SER A 201 -1.90 8.80 -20.19
CA SER A 201 -1.28 9.46 -21.33
C SER A 201 0.16 9.00 -21.55
N ASP A 202 0.60 8.96 -22.80
CA ASP A 202 1.97 8.55 -23.09
C ASP A 202 2.88 9.68 -22.66
N GLN A 203 2.32 10.87 -22.62
CA GLN A 203 3.08 12.04 -22.19
C GLN A 203 3.36 11.84 -20.71
N GLU A 204 2.33 11.46 -19.95
CA GLU A 204 2.50 11.20 -18.52
C GLU A 204 3.65 10.21 -18.34
N PHE A 205 3.70 9.21 -19.21
CA PHE A 205 4.74 8.20 -19.15
C PHE A 205 6.10 8.76 -19.50
N ASP A 206 6.13 9.73 -20.40
CA ASP A 206 7.38 10.35 -20.77
C ASP A 206 7.80 11.37 -19.72
N HIS A 207 6.80 11.99 -19.09
CA HIS A 207 7.06 12.97 -18.05
C HIS A 207 7.74 12.33 -16.86
N TYR A 208 7.35 11.09 -16.56
CA TYR A 208 7.91 10.35 -15.44
C TYR A 208 9.30 9.75 -15.75
N ALA A 209 9.58 9.57 -17.03
CA ALA A 209 10.88 9.02 -17.43
C ALA A 209 11.91 10.15 -17.47
N ASN A 210 11.41 11.38 -17.41
CA ASN A 210 12.22 12.60 -17.46
C ASN A 210 12.19 13.29 -16.09
N SER A 211 11.71 12.57 -15.09
CA SER A 211 11.63 13.10 -13.74
C SER A 211 12.83 12.58 -12.95
N SER A 212 13.19 13.31 -11.90
CA SER A 212 14.33 12.90 -11.10
C SER A 212 13.95 11.66 -10.28
N SER A 213 12.69 11.57 -9.88
CA SER A 213 12.21 10.44 -9.08
C SER A 213 12.50 9.13 -9.77
N TRP A 214 12.23 9.09 -11.07
CA TRP A 214 12.44 7.90 -11.88
C TRP A 214 13.92 7.58 -12.08
N LYS A 215 14.67 8.57 -12.56
CA LYS A 215 16.08 8.39 -12.82
C LYS A 215 16.88 8.02 -11.56
N SER A 216 16.33 8.29 -10.38
CA SER A 216 17.03 7.97 -9.13
C SER A 216 16.72 6.57 -8.62
N LYS A 217 15.69 5.94 -9.17
CA LYS A 217 15.30 4.58 -8.76
C LYS A 217 16.35 3.60 -9.27
N ARG A 218 16.76 2.67 -8.40
CA ARG A 218 17.77 1.69 -8.76
C ARG A 218 17.33 0.83 -9.93
N LEU A 219 18.16 0.84 -10.98
CA LEU A 219 17.86 0.09 -12.19
C LEU A 219 18.05 -1.42 -11.99
N CYS A 220 17.04 -2.17 -12.39
CA CYS A 220 17.06 -3.63 -12.28
C CYS A 220 17.24 -4.06 -10.83
N MET B 4 -18.48 17.32 1.61
CA MET B 4 -19.65 16.40 1.56
C MET B 4 -19.60 15.48 0.32
N ALA B 5 -18.65 15.75 -0.56
CA ALA B 5 -18.44 14.97 -1.78
C ALA B 5 -16.95 14.64 -1.84
N GLY B 6 -16.60 13.37 -1.59
CA GLY B 6 -15.20 12.99 -1.61
C GLY B 6 -14.87 11.74 -2.40
N LEU B 7 -14.08 10.86 -1.80
CA LEU B 7 -13.65 9.61 -2.41
C LEU B 7 -14.28 8.47 -1.59
N PRO B 8 -15.61 8.31 -1.67
CA PRO B 8 -16.42 7.31 -0.97
C PRO B 8 -15.89 5.88 -0.82
N ARG B 9 -15.89 5.13 -1.93
CA ARG B 9 -15.46 3.74 -1.91
C ARG B 9 -14.23 3.47 -1.05
N ARG B 10 -13.19 4.29 -1.22
CA ARG B 10 -11.96 4.11 -0.48
C ARG B 10 -12.10 4.20 1.05
N ILE B 11 -12.74 5.24 1.57
CA ILE B 11 -12.86 5.31 3.02
C ILE B 11 -13.67 4.11 3.52
N ILE B 12 -14.78 3.81 2.86
CA ILE B 12 -15.60 2.68 3.28
C ILE B 12 -14.73 1.41 3.30
N LYS B 13 -14.12 1.13 2.15
CA LYS B 13 -13.31 -0.07 2.02
C LYS B 13 -12.10 -0.12 2.95
N GLU B 14 -11.48 1.02 3.21
CA GLU B 14 -10.33 1.03 4.10
C GLU B 14 -10.77 0.78 5.55
N THR B 15 -11.95 1.27 5.90
CA THR B 15 -12.46 1.08 7.25
C THR B 15 -12.86 -0.38 7.43
N GLN B 16 -13.70 -0.88 6.52
CA GLN B 16 -14.13 -2.27 6.60
C GLN B 16 -12.93 -3.19 6.76
N ARG B 17 -11.81 -2.82 6.17
CA ARG B 17 -10.62 -3.63 6.27
C ARG B 17 -10.01 -3.54 7.67
N LEU B 18 -9.95 -2.33 8.22
CA LEU B 18 -9.38 -2.10 9.54
C LEU B 18 -10.15 -2.80 10.68
N LEU B 19 -11.46 -2.93 10.52
CA LEU B 19 -12.27 -3.56 11.55
C LEU B 19 -12.71 -4.98 11.24
N ALA B 20 -12.05 -5.61 10.27
CA ALA B 20 -12.38 -6.98 9.87
C ALA B 20 -11.18 -7.72 9.28
N GLU B 21 -10.59 -7.14 8.25
CA GLU B 21 -9.44 -7.69 7.54
C GLU B 21 -8.19 -6.85 7.95
N PRO B 22 -7.96 -6.66 9.27
CA PRO B 22 -6.81 -5.85 9.69
C PRO B 22 -5.46 -6.56 9.66
N VAL B 23 -4.40 -5.75 9.80
CA VAL B 23 -3.01 -6.22 9.83
C VAL B 23 -2.75 -7.08 11.07
N PRO B 24 -1.99 -8.16 10.89
CA PRO B 24 -1.69 -9.04 12.02
C PRO B 24 -1.10 -8.23 13.17
N GLY B 25 -1.63 -8.42 14.37
CA GLY B 25 -1.12 -7.68 15.51
C GLY B 25 -1.70 -6.29 15.67
N ILE B 26 -2.81 -6.01 14.99
CA ILE B 26 -3.47 -4.71 15.07
C ILE B 26 -4.97 -4.93 15.01
N LYS B 27 -5.70 -4.47 16.02
CA LYS B 27 -7.15 -4.60 16.02
C LYS B 27 -7.68 -3.19 16.20
N ALA B 28 -8.96 -2.99 16.00
CA ALA B 28 -9.50 -1.64 16.14
C ALA B 28 -11.01 -1.60 16.29
N GLU B 29 -11.47 -0.64 17.07
CA GLU B 29 -12.89 -0.45 17.28
C GLU B 29 -13.15 1.03 17.08
N PRO B 30 -14.14 1.36 16.23
CA PRO B 30 -14.50 2.76 15.94
C PRO B 30 -15.23 3.47 17.07
N ASP B 31 -14.99 4.78 17.18
CA ASP B 31 -15.59 5.59 18.23
C ASP B 31 -17.08 5.80 18.05
N GLU B 32 -17.83 5.52 19.12
CA GLU B 32 -19.28 5.65 19.15
C GLU B 32 -19.72 7.03 18.69
N SER B 33 -19.12 8.07 19.26
CA SER B 33 -19.44 9.46 18.92
C SER B 33 -19.08 9.84 17.48
N ASN B 34 -17.80 10.06 17.22
CA ASN B 34 -17.34 10.43 15.87
C ASN B 34 -16.95 9.17 15.09
N ALA B 35 -17.38 9.07 13.84
CA ALA B 35 -17.07 7.92 13.01
C ALA B 35 -15.79 8.12 12.20
N ARG B 36 -15.05 9.15 12.56
CA ARG B 36 -13.79 9.48 11.92
C ARG B 36 -12.63 9.09 12.83
N TYR B 37 -12.94 8.86 14.10
CA TYR B 37 -11.94 8.45 15.07
C TYR B 37 -12.03 6.93 15.26
N PHE B 38 -10.86 6.29 15.33
CA PHE B 38 -10.79 4.84 15.52
C PHE B 38 -9.93 4.47 16.73
N HIS B 39 -10.44 3.61 17.60
CA HIS B 39 -9.66 3.21 18.76
C HIS B 39 -8.81 2.01 18.40
N VAL B 40 -7.61 2.25 17.88
CA VAL B 40 -6.71 1.16 17.49
C VAL B 40 -5.87 0.63 18.63
N VAL B 41 -5.59 -0.66 18.57
CA VAL B 41 -4.76 -1.36 19.55
C VAL B 41 -3.67 -2.17 18.82
N ILE B 42 -2.40 -1.88 19.14
CA ILE B 42 -1.26 -2.57 18.54
C ILE B 42 -0.54 -3.39 19.60
N ALA B 43 -0.15 -4.60 19.25
CA ALA B 43 0.51 -5.49 20.19
C ALA B 43 2.02 -5.31 20.08
N GLY B 44 2.66 -5.13 21.22
CA GLY B 44 4.11 -4.97 21.26
C GLY B 44 4.69 -6.24 20.72
N PRO B 45 5.54 -6.17 19.67
CA PRO B 45 6.15 -7.35 19.03
C PRO B 45 7.04 -8.22 19.92
N GLN B 46 7.40 -9.39 19.41
CA GLN B 46 8.27 -10.26 20.16
C GLN B 46 9.71 -9.82 19.93
N ASP B 47 10.60 -10.20 20.84
CA ASP B 47 12.01 -9.85 20.74
C ASP B 47 12.20 -8.35 20.65
N SER B 48 11.18 -7.65 21.15
CA SER B 48 11.20 -6.20 21.21
C SER B 48 10.92 -5.98 22.69
N PRO B 49 11.32 -4.82 23.22
CA PRO B 49 11.15 -4.44 24.62
C PRO B 49 9.69 -4.36 25.05
N PHE B 50 8.81 -4.21 24.07
CA PHE B 50 7.38 -4.07 24.32
C PHE B 50 6.60 -5.38 24.29
N GLU B 51 7.31 -6.46 24.02
CA GLU B 51 6.70 -7.79 23.98
C GLU B 51 5.72 -7.97 25.12
N GLY B 52 4.52 -8.42 24.82
CA GLY B 52 3.54 -8.65 25.85
C GLY B 52 2.67 -7.46 26.21
N GLY B 53 2.90 -6.32 25.56
CA GLY B 53 2.10 -5.16 25.86
C GLY B 53 1.09 -4.82 24.77
N THR B 54 -0.05 -4.27 25.14
CA THR B 54 -1.05 -3.88 24.15
C THR B 54 -1.24 -2.36 24.27
N PHE B 55 -0.67 -1.63 23.30
CA PHE B 55 -0.73 -0.17 23.29
C PHE B 55 -1.90 0.39 22.55
N LYS B 56 -2.47 1.46 23.09
CA LYS B 56 -3.60 2.11 22.46
C LYS B 56 -3.13 3.23 21.56
N LEU B 57 -3.75 3.36 20.39
CA LEU B 57 -3.44 4.44 19.45
C LEU B 57 -4.73 5.10 19.01
N GLU B 58 -4.68 6.41 18.79
CA GLU B 58 -5.85 7.14 18.32
C GLU B 58 -5.66 7.39 16.83
N LEU B 59 -6.62 6.94 16.02
CA LEU B 59 -6.53 7.16 14.57
C LEU B 59 -7.63 8.10 14.11
N PHE B 60 -7.25 9.29 13.69
CA PHE B 60 -8.23 10.25 13.22
C PHE B 60 -8.12 10.52 11.74
N LEU B 61 -9.24 10.37 11.03
CA LEU B 61 -9.27 10.61 9.58
C LEU B 61 -9.86 11.97 9.28
N PRO B 62 -9.00 12.96 8.99
CA PRO B 62 -9.44 14.32 8.68
C PRO B 62 -10.47 14.47 7.59
N GLU B 63 -10.85 15.72 7.40
CA GLU B 63 -11.84 16.15 6.42
C GLU B 63 -11.52 15.62 5.03
N GLU B 64 -10.31 15.89 4.52
CA GLU B 64 -9.94 15.40 3.19
C GLU B 64 -8.92 14.27 3.24
N TYR B 65 -9.07 13.40 4.24
CA TYR B 65 -8.15 12.28 4.45
C TYR B 65 -7.23 11.87 3.32
N PRO B 66 -7.76 11.36 2.20
CA PRO B 66 -6.80 10.98 1.17
C PRO B 66 -5.77 12.07 0.88
N MET B 67 -6.26 13.31 0.75
CA MET B 67 -5.39 14.45 0.46
C MET B 67 -4.84 15.11 1.72
N ALA B 68 -5.12 14.51 2.86
CA ALA B 68 -4.66 15.05 4.12
C ALA B 68 -4.16 13.87 4.93
N ALA B 69 -2.88 13.87 5.27
CA ALA B 69 -2.33 12.79 6.06
C ALA B 69 -3.21 12.53 7.28
N PRO B 70 -3.53 11.25 7.54
CA PRO B 70 -4.36 10.96 8.71
C PRO B 70 -3.54 11.27 9.96
N LYS B 71 -4.23 11.47 11.09
CA LYS B 71 -3.55 11.77 12.33
C LYS B 71 -3.60 10.56 13.26
N VAL B 72 -2.41 10.10 13.68
CA VAL B 72 -2.26 8.95 14.58
C VAL B 72 -1.35 9.30 15.78
N ARG B 73 -1.71 8.83 16.97
CA ARG B 73 -0.91 9.09 18.18
C ARG B 73 -1.13 8.01 19.22
N PHE B 74 -0.11 7.80 20.06
CA PHE B 74 -0.18 6.82 21.13
C PHE B 74 -0.98 7.40 22.30
N MET B 75 -2.04 6.72 22.70
CA MET B 75 -2.83 7.16 23.83
C MET B 75 -2.30 6.43 25.08
N THR B 76 -1.39 5.50 24.85
CA THR B 76 -0.76 4.74 25.91
C THR B 76 0.67 5.29 25.99
N LYS B 77 1.19 5.47 27.19
CA LYS B 77 2.55 5.99 27.31
C LYS B 77 3.50 4.89 26.87
N ILE B 78 4.71 5.28 26.51
CA ILE B 78 5.69 4.32 26.02
C ILE B 78 7.07 4.97 25.90
N TYR B 79 8.09 4.26 26.35
CA TYR B 79 9.49 4.73 26.29
C TYR B 79 10.02 4.39 24.90
N HIS B 80 9.92 5.32 23.96
CA HIS B 80 10.40 5.08 22.60
C HIS B 80 11.12 6.29 22.04
N PRO B 81 12.27 6.06 21.38
CA PRO B 81 13.01 7.19 20.82
C PRO B 81 12.27 7.91 19.72
N ASN B 82 11.09 7.39 19.35
CA ASN B 82 10.31 8.01 18.28
C ASN B 82 8.91 8.47 18.66
N VAL B 83 8.56 8.36 19.94
CA VAL B 83 7.26 8.81 20.43
C VAL B 83 7.49 9.70 21.64
N ASP B 84 7.01 10.95 21.58
CA ASP B 84 7.21 11.86 22.70
C ASP B 84 6.23 11.59 23.84
N LYS B 85 6.34 12.41 24.89
CA LYS B 85 5.51 12.32 26.12
C LYS B 85 4.02 12.44 25.86
N LEU B 86 3.66 13.19 24.83
CA LEU B 86 2.27 13.39 24.47
C LEU B 86 1.74 12.24 23.61
N GLY B 87 2.65 11.41 23.13
CA GLY B 87 2.25 10.29 22.31
C GLY B 87 2.44 10.55 20.83
N ARG B 88 2.95 11.73 20.49
CA ARG B 88 3.20 12.10 19.11
C ARG B 88 4.29 11.23 18.45
N ILE B 89 3.91 10.51 17.39
CA ILE B 89 4.86 9.65 16.70
C ILE B 89 5.66 10.46 15.69
N CYS B 90 6.91 10.06 15.47
CA CYS B 90 7.79 10.76 14.54
C CYS B 90 8.08 9.85 13.34
N LEU B 91 7.10 9.80 12.43
CA LEU B 91 7.18 9.00 11.20
C LEU B 91 7.16 9.98 10.04
N ASP B 92 7.98 9.74 9.01
CA ASP B 92 7.99 10.67 7.89
C ASP B 92 6.69 10.70 7.09
N ILE B 93 6.16 9.53 6.76
CA ILE B 93 4.95 9.44 5.97
C ILE B 93 3.71 9.98 6.69
N LEU B 94 3.93 10.59 7.85
CA LEU B 94 2.85 11.21 8.61
C LEU B 94 3.12 12.69 8.58
N LYS B 95 4.39 13.05 8.42
CA LYS B 95 4.80 14.45 8.32
C LYS B 95 4.89 14.86 6.81
N ASP B 96 6.07 15.33 6.42
CA ASP B 96 6.37 15.78 5.05
C ASP B 96 6.05 14.77 3.93
N LYS B 97 6.60 13.56 4.06
CA LYS B 97 6.47 12.50 3.08
C LYS B 97 5.13 11.77 2.92
N TRP B 98 4.03 12.40 3.32
CA TRP B 98 2.72 11.77 3.15
C TRP B 98 2.14 12.00 1.76
N SER B 99 1.47 10.99 1.24
CA SER B 99 0.85 11.10 -0.08
C SER B 99 -0.50 10.45 -0.08
N PRO B 100 -1.43 10.98 -0.89
CA PRO B 100 -2.80 10.45 -1.03
C PRO B 100 -2.71 9.04 -1.65
N ALA B 101 -1.54 8.73 -2.18
CA ALA B 101 -1.25 7.44 -2.78
C ALA B 101 -0.97 6.37 -1.72
N LEU B 102 -0.73 6.76 -0.48
CA LEU B 102 -0.47 5.80 0.61
C LEU B 102 -1.75 5.55 1.39
N GLN B 103 -1.97 4.33 1.87
CA GLN B 103 -3.18 4.01 2.63
C GLN B 103 -2.90 3.99 4.13
N ILE B 104 -3.94 3.73 4.92
CA ILE B 104 -3.82 3.66 6.37
C ILE B 104 -2.91 2.49 6.75
N ARG B 105 -3.10 1.34 6.11
CA ARG B 105 -2.29 0.17 6.40
C ARG B 105 -0.80 0.53 6.38
N THR B 106 -0.41 1.39 5.43
CA THR B 106 0.99 1.81 5.31
C THR B 106 1.50 2.43 6.61
N VAL B 107 0.70 3.34 7.16
CA VAL B 107 1.02 4.01 8.42
C VAL B 107 1.00 3.01 9.57
N LEU B 108 -0.08 2.24 9.68
CA LEU B 108 -0.14 1.26 10.76
C LEU B 108 1.05 0.34 10.68
N LEU B 109 1.30 -0.24 9.52
CA LEU B 109 2.46 -1.12 9.38
C LEU B 109 3.74 -0.43 9.84
N SER B 110 3.96 0.78 9.33
CA SER B 110 5.13 1.57 9.66
C SER B 110 5.37 1.73 11.16
N ILE B 111 4.29 2.04 11.88
CA ILE B 111 4.35 2.20 13.32
C ILE B 111 4.77 0.90 14.01
N GLN B 112 4.08 -0.18 13.67
CA GLN B 112 4.38 -1.46 14.29
C GLN B 112 5.80 -1.89 13.98
N ALA B 113 6.32 -1.45 12.84
CA ALA B 113 7.68 -1.80 12.45
C ALA B 113 8.66 -1.06 13.37
N LEU B 114 8.32 0.18 13.64
CA LEU B 114 9.07 1.09 14.49
C LEU B 114 9.24 0.52 15.89
N LEU B 115 8.26 -0.22 16.37
CA LEU B 115 8.38 -0.79 17.71
C LEU B 115 9.42 -1.90 17.67
N SER B 116 9.35 -2.77 16.67
CA SER B 116 10.31 -3.85 16.56
C SER B 116 11.74 -3.35 16.39
N ALA B 117 11.89 -2.15 15.83
CA ALA B 117 13.22 -1.59 15.63
C ALA B 117 13.22 -0.07 15.46
N PRO B 118 13.34 0.67 16.59
CA PRO B 118 13.36 2.15 16.68
C PRO B 118 14.31 2.79 15.68
N ASN B 119 14.05 4.03 15.32
CA ASN B 119 14.88 4.72 14.35
C ASN B 119 15.81 5.79 14.90
N PRO B 120 17.11 5.72 14.51
CA PRO B 120 18.23 6.61 14.88
C PRO B 120 18.16 7.93 14.10
N ASP B 121 18.06 7.81 12.77
CA ASP B 121 17.95 8.94 11.86
C ASP B 121 16.71 9.73 12.28
N ASP B 122 16.83 10.49 13.38
CA ASP B 122 15.71 11.28 13.88
C ASP B 122 16.21 12.64 14.36
N PRO B 123 15.95 13.70 13.58
CA PRO B 123 16.35 15.09 13.83
C PRO B 123 15.83 15.73 15.13
N LEU B 124 14.61 15.38 15.52
CA LEU B 124 14.03 15.94 16.73
C LEU B 124 14.86 15.58 17.97
N ALA B 125 14.88 16.50 18.93
CA ALA B 125 15.62 16.32 20.18
C ALA B 125 14.73 15.56 21.17
N ASN B 126 15.29 14.51 21.76
CA ASN B 126 14.54 13.69 22.73
C ASN B 126 15.47 12.94 23.67
N ASP B 127 15.29 13.18 24.96
CA ASP B 127 16.07 12.56 26.02
C ASP B 127 16.05 11.04 25.88
N VAL B 128 14.86 10.47 25.73
CA VAL B 128 14.74 9.02 25.58
C VAL B 128 15.66 8.57 24.44
N ALA B 129 15.49 9.23 23.29
CA ALA B 129 16.29 8.95 22.11
C ALA B 129 17.77 8.87 22.49
N GLU B 130 18.23 9.91 23.17
CA GLU B 130 19.60 10.06 23.63
C GLU B 130 20.06 8.87 24.47
N GLN B 131 19.21 8.44 25.40
CA GLN B 131 19.53 7.31 26.23
C GLN B 131 19.55 6.03 25.44
N TRP B 132 18.69 5.98 24.42
CA TRP B 132 18.58 4.80 23.60
C TRP B 132 19.83 4.52 22.78
N LYS B 133 20.34 5.57 22.14
CA LYS B 133 21.51 5.46 21.30
C LYS B 133 22.84 5.37 22.07
N THR B 134 22.85 5.79 23.34
CA THR B 134 24.06 5.69 24.16
C THR B 134 23.93 4.54 25.17
N ASN B 135 23.07 4.71 26.18
CA ASN B 135 22.83 3.68 27.20
C ASN B 135 21.75 2.69 26.77
N GLU B 136 21.91 2.13 25.57
CA GLU B 136 20.92 1.19 25.06
C GLU B 136 20.48 0.16 26.10
N ALA B 137 21.46 -0.42 26.77
CA ALA B 137 21.19 -1.41 27.81
C ALA B 137 20.07 -0.95 28.72
N GLN B 138 20.34 0.10 29.51
CA GLN B 138 19.36 0.64 30.45
C GLN B 138 18.08 1.07 29.78
N ALA B 139 18.21 1.73 28.63
CA ALA B 139 17.04 2.21 27.88
C ALA B 139 16.02 1.07 27.65
N ILE B 140 16.53 -0.12 27.34
CA ILE B 140 15.68 -1.27 27.11
C ILE B 140 15.00 -1.59 28.42
N GLU B 141 15.81 -1.90 29.43
CA GLU B 141 15.33 -2.21 30.75
C GLU B 141 14.15 -1.33 31.12
N THR B 142 14.29 -0.04 30.85
CA THR B 142 13.26 0.91 31.15
C THR B 142 12.00 0.74 30.32
N ALA B 143 12.14 0.51 29.01
CA ALA B 143 10.97 0.32 28.14
C ALA B 143 10.20 -0.92 28.57
N ARG B 144 10.96 -1.96 28.87
CA ARG B 144 10.40 -3.20 29.32
C ARG B 144 9.52 -2.93 30.57
N ALA B 145 10.02 -2.13 31.50
CA ALA B 145 9.27 -1.80 32.71
C ALA B 145 8.05 -0.93 32.44
N TRP B 146 8.16 -0.02 31.47
CA TRP B 146 7.02 0.83 31.13
C TRP B 146 5.94 0.05 30.38
N THR B 147 6.33 -1.06 29.76
CA THR B 147 5.36 -1.88 29.05
C THR B 147 4.57 -2.63 30.07
N ARG B 148 5.22 -2.94 31.19
CA ARG B 148 4.56 -3.65 32.28
C ARG B 148 3.62 -2.75 33.06
N LEU B 149 3.96 -1.46 33.12
CA LEU B 149 3.13 -0.49 33.84
C LEU B 149 1.96 0.06 33.03
N TYR B 150 2.29 0.64 31.87
CA TYR B 150 1.30 1.25 31.02
C TYR B 150 0.65 0.38 29.99
N ALA B 151 1.40 -0.59 29.46
CA ALA B 151 0.88 -1.43 28.39
C ALA B 151 0.28 -2.77 28.77
N MET B 152 0.14 -3.03 30.06
CA MET B 152 -0.44 -4.28 30.51
C MET B 152 -1.49 -4.01 31.57
N ASN B 153 -2.52 -4.85 31.57
CA ASN B 153 -3.62 -4.71 32.52
C ASN B 153 -4.27 -3.35 32.29
N ASN B 154 -3.92 -2.71 31.17
CA ASN B 154 -4.43 -1.38 30.81
C ASN B 154 -5.80 -1.40 30.14
N ILE B 155 -6.50 -2.52 30.28
CA ILE B 155 -7.84 -2.68 29.74
C ILE B 155 -8.64 -3.53 30.76
I IOD C . 9.93 14.19 -9.23
I IOD D . -5.24 -2.18 8.25
I IOD E . 6.27 16.56 24.65
I IOD F . 14.31 -7.08 23.95
#